data_5HMH
#
_entry.id   5HMH
#
_cell.length_a   39.640
_cell.length_b   39.127
_cell.length_c   132.337
_cell.angle_alpha   90.000
_cell.angle_beta   90.000
_cell.angle_gamma   90.000
#
_symmetry.space_group_name_H-M   'P 21 21 21'
#
loop_
_entity.id
_entity.type
_entity.pdbx_description
1 polymer 'E3 ubiquitin-protein ligase Mdm2'
2 non-polymer '4-[2-(4-{[(2R,3S)-2-propyl-1-{[4-(trifluoromethyl)pyridin-3-yl]carbonyl}-3-{[5-(trifluoromethyl)thiophen-3-yl]oxy}piperidin-3-yl]carbonyl}piperazin-1-yl)phenoxy]butanoic acid'
3 non-polymer 'SULFATE ION'
4 water water
#
_entity_poly.entity_id   1
_entity_poly.type   'polypeptide(L)'
_entity_poly.pdbx_seq_one_letter_code
;ASASEQETLVRPKPLLLKLLKSVGAQKDTYTMKEVLYYLGQYIMTKRLYDEKQQHIVHCSNDLLGDLFGVPSFSVKEHRK
IYTMIYRNLVVVNQQESSAGA
;
_entity_poly.pdbx_strand_id   A,B
#
loop_
_chem_comp.id
_chem_comp.type
_chem_comp.name
_chem_comp.formula
62R non-polymer '4-[2-(4-{[(2R,3S)-2-propyl-1-{[4-(trifluoromethyl)pyridin-3-yl]carbonyl}-3-{[5-(trifluoromethyl)thiophen-3-yl]oxy}piperidin-3-yl]carbonyl}piperazin-1-yl)phenoxy]butanoic acid' 'C35 H38 F6 N4 O6 S'
SO4 non-polymer 'SULFATE ION' 'O4 S -2'
#
# COMPACT_ATOMS: atom_id res chain seq x y z
N ALA A 1 -0.68 -18.66 19.30
CA ALA A 1 0.76 -18.39 19.26
C ALA A 1 1.10 -17.05 18.60
N SER A 2 0.37 -16.67 17.52
CA SER A 2 0.59 -15.40 16.79
C SER A 2 0.52 -14.20 17.76
N ALA A 3 1.49 -13.27 17.69
CA ALA A 3 1.55 -12.09 18.58
C ALA A 3 0.43 -11.10 18.29
N SER A 4 -0.05 -11.08 17.03
CA SER A 4 -1.16 -10.28 16.53
C SER A 4 -1.78 -10.98 15.33
N GLU A 5 -3.00 -10.57 14.94
CA GLU A 5 -3.73 -11.12 13.79
C GLU A 5 -2.95 -10.93 12.47
N GLN A 6 -2.40 -9.71 12.26
CA GLN A 6 -1.60 -9.36 11.07
C GLN A 6 -0.31 -10.18 10.95
N GLU A 7 0.16 -10.75 12.08
CA GLU A 7 1.37 -11.58 12.16
C GLU A 7 1.09 -13.09 12.10
N THR A 8 -0.16 -13.49 11.81
CA THR A 8 -0.51 -14.89 11.60
C THR A 8 0.34 -15.42 10.43
N LEU A 9 1.00 -16.60 10.58
CA LEU A 9 1.81 -17.21 9.53
C LEU A 9 0.96 -18.12 8.65
N VAL A 10 1.09 -17.98 7.32
CA VAL A 10 0.25 -18.70 6.37
C VAL A 10 1.07 -19.24 5.21
N ARG A 11 0.58 -20.30 4.59
CA ARG A 11 1.19 -20.88 3.38
C ARG A 11 0.17 -20.76 2.28
N PRO A 12 0.37 -19.79 1.35
CA PRO A 12 -0.58 -19.67 0.24
C PRO A 12 -0.69 -20.97 -0.54
N LYS A 13 -1.89 -21.22 -1.04
CA LYS A 13 -2.15 -22.41 -1.85
C LYS A 13 -1.45 -22.21 -3.20
N PRO A 14 -1.20 -23.29 -3.98
CA PRO A 14 -0.36 -23.16 -5.18
C PRO A 14 -0.61 -21.97 -6.11
N LEU A 15 -1.86 -21.69 -6.49
CA LEU A 15 -2.14 -20.59 -7.42
C LEU A 15 -1.95 -19.21 -6.79
N LEU A 16 -2.33 -19.03 -5.51
CA LEU A 16 -2.04 -17.75 -4.86
C LEU A 16 -0.52 -17.60 -4.67
N LEU A 17 0.20 -18.70 -4.39
CA LEU A 17 1.66 -18.60 -4.28
C LEU A 17 2.29 -18.14 -5.60
N LYS A 18 1.82 -18.72 -6.71
CA LYS A 18 2.23 -18.39 -8.09
C LYS A 18 2.03 -16.88 -8.33
N LEU A 19 0.86 -16.35 -7.93
CA LEU A 19 0.50 -14.95 -8.06
C LEU A 19 1.48 -14.08 -7.27
N LEU A 20 1.71 -14.40 -5.98
CA LEU A 20 2.59 -13.58 -5.13
C LEU A 20 4.03 -13.59 -5.63
N LYS A 21 4.53 -14.77 -6.04
CA LYS A 21 5.88 -14.91 -6.59
C LYS A 21 6.10 -14.14 -7.90
N SER A 22 5.02 -13.89 -8.68
CA SER A 22 5.07 -13.16 -9.96
C SER A 22 5.42 -11.67 -9.76
N VAL A 23 5.21 -11.16 -8.52
CA VAL A 23 5.52 -9.78 -8.16
C VAL A 23 6.68 -9.71 -7.12
N GLY A 24 7.65 -10.60 -7.28
CA GLY A 24 8.87 -10.59 -6.47
C GLY A 24 8.84 -11.18 -5.07
N ALA A 25 7.77 -11.88 -4.68
CA ALA A 25 7.74 -12.52 -3.36
C ALA A 25 8.62 -13.78 -3.45
N GLN A 26 9.60 -13.87 -2.55
CA GLN A 26 10.61 -14.95 -2.52
C GLN A 26 10.31 -16.06 -1.51
N LYS A 27 9.28 -15.85 -0.68
CA LYS A 27 8.92 -16.78 0.41
C LYS A 27 7.89 -17.83 0.00
N ASP A 28 7.71 -18.82 0.89
CA ASP A 28 6.68 -19.84 0.78
C ASP A 28 5.72 -19.66 1.97
N THR A 29 6.22 -19.07 3.07
CA THR A 29 5.44 -18.77 4.28
C THR A 29 5.47 -17.27 4.47
N TYR A 30 4.30 -16.68 4.72
CA TYR A 30 4.11 -15.23 4.85
C TYR A 30 3.29 -14.89 6.04
N THR A 31 3.38 -13.63 6.48
CA THR A 31 2.44 -13.12 7.47
C THR A 31 1.24 -12.64 6.65
N MET A 32 0.07 -12.47 7.29
CA MET A 32 -1.11 -11.93 6.61
C MET A 32 -0.81 -10.51 6.06
N LYS A 33 0.02 -9.74 6.79
CA LYS A 33 0.43 -8.39 6.39
C LYS A 33 1.19 -8.46 5.04
N GLU A 34 2.07 -9.46 4.93
CA GLU A 34 2.86 -9.70 3.71
C GLU A 34 1.99 -10.10 2.54
N VAL A 35 0.97 -10.96 2.77
CA VAL A 35 0.05 -11.38 1.70
C VAL A 35 -0.66 -10.10 1.13
N LEU A 36 -1.17 -9.22 2.02
CA LEU A 36 -1.83 -7.98 1.62
C LEU A 36 -0.87 -7.10 0.82
N TYR A 37 0.39 -7.02 1.27
CA TYR A 37 1.40 -6.22 0.62
C TYR A 37 1.65 -6.69 -0.83
N TYR A 38 1.87 -8.00 -1.01
CA TYR A 38 2.16 -8.56 -2.34
C TYR A 38 0.94 -8.55 -3.24
N LEU A 39 -0.27 -8.70 -2.67
CA LEU A 39 -1.47 -8.55 -3.49
C LEU A 39 -1.54 -7.14 -4.02
N GLY A 40 -1.13 -6.18 -3.19
CA GLY A 40 -1.08 -4.77 -3.56
C GLY A 40 -0.11 -4.52 -4.70
N GLN A 41 1.07 -5.20 -4.66
CA GLN A 41 2.08 -5.09 -5.71
C GLN A 41 1.54 -5.59 -7.03
N TYR A 42 0.74 -6.67 -6.96
CA TYR A 42 0.12 -7.31 -8.11
C TYR A 42 -0.93 -6.42 -8.77
N ILE A 43 -1.84 -5.85 -7.96
CA ILE A 43 -2.88 -4.94 -8.42
C ILE A 43 -2.28 -3.70 -9.09
N MET A 44 -1.22 -3.14 -8.47
CA MET A 44 -0.55 -1.94 -9.01
C MET A 44 0.19 -2.21 -10.32
N THR A 45 0.99 -3.29 -10.41
CA THR A 45 1.76 -3.64 -11.62
C THR A 45 0.84 -3.99 -12.80
N LYS A 46 -0.22 -4.76 -12.54
CA LYS A 46 -1.18 -5.17 -13.56
C LYS A 46 -2.28 -4.15 -13.84
N ARG A 47 -2.29 -3.02 -13.10
CA ARG A 47 -3.26 -1.91 -13.20
C ARG A 47 -4.72 -2.42 -13.13
N LEU A 48 -5.01 -3.20 -12.10
CA LEU A 48 -6.34 -3.82 -11.92
C LEU A 48 -7.37 -2.93 -11.25
N TYR A 49 -7.26 -1.64 -11.48
CA TYR A 49 -8.18 -0.63 -10.97
C TYR A 49 -8.44 0.35 -12.08
N ASP A 50 -9.57 1.05 -12.01
CA ASP A 50 -9.93 2.10 -12.94
C ASP A 50 -9.46 3.37 -12.24
N GLU A 51 -8.64 4.19 -12.93
CA GLU A 51 -8.08 5.44 -12.39
C GLU A 51 -9.17 6.35 -11.79
N LYS A 52 -10.40 6.26 -12.31
CA LYS A 52 -11.58 7.00 -11.84
C LYS A 52 -11.93 6.64 -10.39
N GLN A 53 -12.21 5.33 -10.11
CA GLN A 53 -12.61 4.86 -8.78
C GLN A 53 -11.54 3.89 -8.29
N GLN A 54 -10.46 4.43 -7.72
CA GLN A 54 -9.30 3.67 -7.26
C GLN A 54 -9.58 2.66 -6.14
N HIS A 55 -10.72 2.78 -5.43
CA HIS A 55 -11.06 1.80 -4.39
C HIS A 55 -11.67 0.48 -4.96
N ILE A 56 -12.00 0.43 -6.27
CA ILE A 56 -12.56 -0.75 -6.91
C ILE A 56 -11.50 -1.49 -7.74
N VAL A 57 -11.30 -2.77 -7.42
CA VAL A 57 -10.39 -3.63 -8.18
C VAL A 57 -11.22 -4.38 -9.21
N HIS A 58 -10.83 -4.34 -10.51
CA HIS A 58 -11.48 -5.09 -11.59
C HIS A 58 -10.56 -6.25 -11.98
N CYS A 59 -11.04 -7.49 -11.76
CA CYS A 59 -10.20 -8.69 -11.92
C CYS A 59 -10.92 -9.88 -12.61
N SER A 60 -11.98 -9.63 -13.41
CA SER A 60 -12.81 -10.70 -14.00
C SER A 60 -12.08 -11.62 -14.98
N ASN A 61 -11.04 -11.10 -15.65
CA ASN A 61 -10.26 -11.84 -16.64
C ASN A 61 -8.81 -12.01 -16.16
N ASP A 62 -8.63 -12.07 -14.84
CA ASP A 62 -7.34 -12.22 -14.20
C ASP A 62 -7.35 -13.34 -13.17
N LEU A 63 -6.20 -13.98 -12.93
CA LEU A 63 -6.06 -15.00 -11.89
C LEU A 63 -6.58 -14.50 -10.53
N LEU A 64 -6.37 -13.21 -10.23
CA LEU A 64 -6.88 -12.66 -8.97
C LEU A 64 -8.40 -12.86 -8.83
N GLY A 65 -9.14 -12.61 -9.91
CA GLY A 65 -10.60 -12.80 -9.95
C GLY A 65 -10.97 -14.26 -9.83
N ASP A 66 -10.20 -15.15 -10.49
CA ASP A 66 -10.45 -16.60 -10.41
C ASP A 66 -10.29 -17.10 -8.98
N LEU A 67 -9.22 -16.68 -8.30
CA LEU A 67 -8.95 -17.11 -6.94
C LEU A 67 -9.86 -16.51 -5.90
N PHE A 68 -10.24 -15.25 -6.07
CA PHE A 68 -11.14 -14.58 -5.12
C PHE A 68 -12.59 -14.96 -5.39
N GLY A 69 -12.89 -15.35 -6.62
CA GLY A 69 -14.22 -15.77 -7.07
C GLY A 69 -15.18 -14.63 -7.36
N VAL A 70 -14.64 -13.43 -7.66
CA VAL A 70 -15.46 -12.25 -7.93
C VAL A 70 -14.93 -11.48 -9.15
N PRO A 71 -15.80 -10.75 -9.91
CA PRO A 71 -15.28 -10.00 -11.06
C PRO A 71 -14.65 -8.69 -10.64
N SER A 72 -15.02 -8.18 -9.43
CA SER A 72 -14.57 -6.89 -8.88
C SER A 72 -14.89 -6.88 -7.39
N PHE A 73 -14.22 -6.03 -6.63
CA PHE A 73 -14.46 -5.87 -5.20
C PHE A 73 -13.93 -4.52 -4.76
N SER A 74 -14.42 -4.07 -3.61
CA SER A 74 -14.01 -2.82 -3.00
C SER A 74 -12.90 -3.09 -2.00
N VAL A 75 -11.81 -2.36 -2.11
CA VAL A 75 -10.62 -2.43 -1.22
C VAL A 75 -11.01 -2.02 0.23
N LYS A 76 -12.15 -1.32 0.38
CA LYS A 76 -12.64 -0.89 1.70
C LYS A 76 -13.34 -2.00 2.49
N GLU A 77 -13.80 -3.05 1.80
CA GLU A 77 -14.55 -4.17 2.40
C GLU A 77 -13.60 -5.25 2.90
N HIS A 78 -12.86 -4.93 3.97
CA HIS A 78 -11.84 -5.79 4.57
C HIS A 78 -12.32 -7.21 4.92
N ARG A 79 -13.53 -7.34 5.47
CA ARG A 79 -14.14 -8.62 5.86
C ARG A 79 -14.25 -9.55 4.64
N LYS A 80 -14.76 -9.02 3.53
CA LYS A 80 -14.93 -9.77 2.29
C LYS A 80 -13.58 -10.17 1.75
N ILE A 81 -12.61 -9.24 1.80
CA ILE A 81 -11.25 -9.49 1.30
C ILE A 81 -10.58 -10.60 2.12
N TYR A 82 -10.62 -10.53 3.45
CA TYR A 82 -10.09 -11.61 4.29
C TYR A 82 -10.71 -12.96 3.96
N THR A 83 -12.04 -13.03 3.80
CA THR A 83 -12.75 -14.26 3.45
C THR A 83 -12.20 -14.87 2.16
N MET A 84 -12.00 -14.03 1.14
CA MET A 84 -11.51 -14.47 -0.17
C MET A 84 -10.05 -14.94 -0.09
N ILE A 85 -9.22 -14.23 0.69
CA ILE A 85 -7.81 -14.59 0.90
C ILE A 85 -7.68 -15.92 1.66
N TYR A 86 -8.44 -16.05 2.76
CA TYR A 86 -8.39 -17.27 3.58
C TYR A 86 -8.66 -18.54 2.81
N ARG A 87 -9.59 -18.51 1.82
CA ARG A 87 -9.90 -19.70 1.00
C ARG A 87 -8.66 -20.17 0.19
N ASN A 88 -7.68 -19.28 0.02
CA ASN A 88 -6.47 -19.51 -0.77
C ASN A 88 -5.22 -19.74 0.02
N LEU A 89 -5.37 -20.05 1.29
CA LEU A 89 -4.20 -20.37 2.11
C LEU A 89 -4.50 -21.38 3.17
N VAL A 90 -3.43 -21.80 3.85
CA VAL A 90 -3.50 -22.69 5.02
C VAL A 90 -2.70 -22.01 6.11
N VAL A 91 -3.19 -22.03 7.33
CA VAL A 91 -2.45 -21.44 8.44
C VAL A 91 -1.31 -22.40 8.84
N VAL A 92 -0.15 -21.86 9.22
CA VAL A 92 0.98 -22.69 9.65
C VAL A 92 1.50 -22.23 11.00
N ASN A 93 2.39 -23.03 11.61
CA ASN A 93 3.04 -22.77 12.90
C ASN A 93 4.36 -22.02 12.71
N GLN A 94 4.91 -21.45 13.80
CA GLN A 94 6.17 -20.70 13.80
C GLN A 94 7.41 -21.56 13.92
N GLN A 95 7.54 -22.58 13.03
CA GLN A 95 8.66 -23.52 12.96
C GLN A 95 8.75 -24.13 11.56
N ALA B 3 -14.95 13.17 -5.08
CA ALA B 3 -15.56 11.87 -4.81
C ALA B 3 -15.23 11.38 -3.39
N SER B 4 -13.95 11.44 -3.01
CA SER B 4 -13.46 11.02 -1.68
C SER B 4 -12.21 11.81 -1.28
N GLU B 5 -11.87 11.78 0.02
CA GLU B 5 -10.67 12.45 0.54
C GLU B 5 -9.38 11.81 0.01
N GLN B 6 -9.45 10.51 -0.40
CA GLN B 6 -8.30 9.79 -0.96
C GLN B 6 -8.25 9.86 -2.50
N GLU B 7 -9.25 10.57 -3.12
CA GLU B 7 -9.40 10.81 -4.57
C GLU B 7 -9.36 12.32 -4.95
N THR B 8 -8.82 13.11 -4.02
CA THR B 8 -8.50 14.53 -4.18
C THR B 8 -7.20 14.47 -5.01
N LEU B 9 -6.95 15.42 -5.95
CA LEU B 9 -5.71 15.41 -6.73
C LEU B 9 -4.70 16.35 -6.08
N VAL B 10 -3.48 15.86 -5.84
CA VAL B 10 -2.46 16.61 -5.14
C VAL B 10 -1.16 16.68 -5.95
N ARG B 11 -0.41 17.75 -5.75
CA ARG B 11 0.90 17.94 -6.40
C ARG B 11 1.92 17.96 -5.27
N PRO B 12 2.68 16.86 -5.05
CA PRO B 12 3.72 16.90 -4.00
C PRO B 12 4.72 18.03 -4.23
N LYS B 13 5.11 18.73 -3.14
CA LYS B 13 6.14 19.77 -3.14
C LYS B 13 7.48 19.15 -3.63
N PRO B 14 8.44 19.93 -4.21
CA PRO B 14 9.62 19.31 -4.85
C PRO B 14 10.38 18.23 -4.07
N LEU B 15 10.56 18.36 -2.74
CA LEU B 15 11.31 17.32 -2.01
C LEU B 15 10.52 16.03 -1.89
N LEU B 16 9.20 16.14 -1.64
CA LEU B 16 8.39 14.94 -1.57
C LEU B 16 8.30 14.26 -2.95
N LEU B 17 8.21 15.05 -4.05
CA LEU B 17 8.12 14.52 -5.43
C LEU B 17 9.37 13.71 -5.78
N LYS B 18 10.54 14.22 -5.37
CA LYS B 18 11.85 13.61 -5.53
C LYS B 18 11.84 12.24 -4.83
N LEU B 19 11.38 12.21 -3.54
CA LEU B 19 11.26 11.01 -2.71
C LEU B 19 10.40 9.95 -3.40
N LEU B 20 9.26 10.37 -4.00
CA LEU B 20 8.32 9.46 -4.67
C LEU B 20 8.86 8.91 -6.00
N LYS B 21 9.43 9.79 -6.84
CA LYS B 21 9.98 9.43 -8.15
C LYS B 21 11.12 8.44 -8.03
N SER B 22 11.89 8.53 -6.92
CA SER B 22 13.03 7.65 -6.62
C SER B 22 12.60 6.20 -6.43
N VAL B 23 11.31 5.95 -6.14
CA VAL B 23 10.77 4.59 -5.94
C VAL B 23 9.78 4.19 -7.06
N GLY B 24 9.90 4.83 -8.23
CA GLY B 24 9.13 4.46 -9.42
C GLY B 24 7.89 5.24 -9.79
N ALA B 25 7.57 6.30 -9.05
CA ALA B 25 6.42 7.14 -9.39
C ALA B 25 6.79 7.95 -10.64
N GLN B 26 5.95 7.89 -11.69
CA GLN B 26 6.26 8.55 -12.96
C GLN B 26 5.38 9.77 -13.29
N LYS B 27 4.64 10.29 -12.30
CA LYS B 27 3.71 11.41 -12.44
C LYS B 27 4.09 12.64 -11.60
N ASP B 28 3.44 13.77 -11.84
CA ASP B 28 3.60 15.00 -11.07
C ASP B 28 2.33 15.24 -10.23
N THR B 29 1.20 14.65 -10.68
CA THR B 29 -0.12 14.76 -10.03
C THR B 29 -0.54 13.37 -9.55
N TYR B 30 -1.03 13.27 -8.30
CA TYR B 30 -1.44 12.01 -7.65
C TYR B 30 -2.70 12.13 -6.82
N THR B 31 -3.28 11.00 -6.45
CA THR B 31 -4.39 10.92 -5.51
C THR B 31 -3.71 10.69 -4.15
N MET B 32 -4.42 10.93 -3.02
CA MET B 32 -3.84 10.66 -1.69
C MET B 32 -3.48 9.17 -1.56
N LYS B 33 -4.31 8.28 -2.17
CA LYS B 33 -4.04 6.82 -2.15
C LYS B 33 -2.73 6.50 -2.84
N GLU B 34 -2.46 7.14 -4.00
CA GLU B 34 -1.19 6.93 -4.73
C GLU B 34 0.00 7.43 -3.91
N VAL B 35 -0.13 8.60 -3.24
CA VAL B 35 0.92 9.15 -2.36
C VAL B 35 1.23 8.14 -1.25
N LEU B 36 0.20 7.61 -0.56
CA LEU B 36 0.39 6.59 0.48
C LEU B 36 1.10 5.34 -0.04
N TYR B 37 0.76 4.89 -1.26
CA TYR B 37 1.40 3.72 -1.86
C TYR B 37 2.89 3.96 -2.10
N TYR B 38 3.25 5.09 -2.76
CA TYR B 38 4.65 5.36 -3.06
C TYR B 38 5.46 5.65 -1.80
N LEU B 39 4.83 6.26 -0.75
CA LEU B 39 5.48 6.47 0.55
C LEU B 39 5.77 5.10 1.16
N GLY B 40 4.83 4.17 1.02
CA GLY B 40 5.00 2.80 1.47
C GLY B 40 6.14 2.11 0.75
N GLN B 41 6.25 2.33 -0.59
CA GLN B 41 7.36 1.76 -1.38
C GLN B 41 8.70 2.31 -0.92
N TYR B 42 8.72 3.59 -0.48
CA TYR B 42 9.93 4.24 0.02
C TYR B 42 10.39 3.62 1.35
N ILE B 43 9.46 3.55 2.33
CA ILE B 43 9.69 2.96 3.66
C ILE B 43 10.19 1.52 3.54
N MET B 44 9.56 0.70 2.66
CA MET B 44 9.93 -0.69 2.45
C MET B 44 11.31 -0.85 1.80
N THR B 45 11.55 -0.17 0.65
CA THR B 45 12.84 -0.21 -0.09
C THR B 45 14.01 0.17 0.83
N LYS B 46 13.83 1.24 1.63
CA LYS B 46 14.84 1.76 2.56
C LYS B 46 14.84 1.09 3.93
N ARG B 47 13.79 0.29 4.24
CA ARG B 47 13.62 -0.45 5.51
C ARG B 47 13.70 0.48 6.72
N LEU B 48 12.81 1.49 6.72
CA LEU B 48 12.73 2.53 7.74
C LEU B 48 11.83 2.09 8.90
N TYR B 49 12.01 0.85 9.33
CA TYR B 49 11.25 0.23 10.41
C TYR B 49 12.15 -0.76 11.12
N ASP B 50 11.79 -1.09 12.36
CA ASP B 50 12.52 -2.03 13.21
C ASP B 50 11.76 -3.32 13.28
N GLU B 51 12.49 -4.44 13.10
CA GLU B 51 11.99 -5.82 13.11
C GLU B 51 11.08 -6.07 14.32
N LYS B 52 11.50 -5.57 15.51
CA LYS B 52 10.82 -5.68 16.80
C LYS B 52 9.35 -5.21 16.77
N GLN B 53 9.11 -3.96 16.30
CA GLN B 53 7.78 -3.36 16.21
C GLN B 53 7.58 -2.74 14.80
N GLN B 54 7.18 -3.58 13.83
CA GLN B 54 6.97 -3.25 12.41
C GLN B 54 6.06 -2.06 12.11
N HIS B 55 5.04 -1.77 12.95
CA HIS B 55 4.21 -0.62 12.63
C HIS B 55 4.83 0.74 13.05
N ILE B 56 6.05 0.77 13.60
CA ILE B 56 6.74 2.04 13.95
C ILE B 56 7.77 2.37 12.86
N VAL B 57 7.63 3.55 12.22
CA VAL B 57 8.55 4.03 11.21
C VAL B 57 9.63 4.79 11.96
N HIS B 58 10.90 4.47 11.69
CA HIS B 58 12.03 5.14 12.28
C HIS B 58 12.68 5.90 11.16
N CYS B 59 12.61 7.24 11.25
CA CYS B 59 13.09 8.13 10.19
C CYS B 59 13.89 9.38 10.68
N SER B 60 14.52 9.33 11.89
CA SER B 60 15.25 10.48 12.44
C SER B 60 16.42 10.92 11.59
N ASN B 61 17.04 9.98 10.84
CA ASN B 61 18.19 10.25 9.99
C ASN B 61 17.90 10.12 8.47
N ASP B 62 16.65 10.33 8.08
CA ASP B 62 16.27 10.21 6.68
C ASP B 62 15.48 11.41 6.22
N LEU B 63 15.47 11.69 4.88
CA LEU B 63 14.70 12.79 4.27
C LEU B 63 13.22 12.74 4.70
N LEU B 64 12.66 11.53 4.88
CA LEU B 64 11.28 11.37 5.34
C LEU B 64 11.03 12.01 6.71
N GLY B 65 11.98 11.86 7.64
CA GLY B 65 11.89 12.47 8.96
C GLY B 65 11.96 13.98 8.88
N ASP B 66 12.77 14.51 7.94
CA ASP B 66 12.91 15.95 7.73
C ASP B 66 11.62 16.53 7.16
N LEU B 67 11.00 15.85 6.18
CA LEU B 67 9.73 16.30 5.57
C LEU B 67 8.56 16.20 6.53
N PHE B 68 8.50 15.12 7.34
CA PHE B 68 7.40 14.89 8.29
C PHE B 68 7.55 15.66 9.59
N GLY B 69 8.80 15.91 10.00
CA GLY B 69 9.13 16.68 11.20
C GLY B 69 9.19 15.91 12.50
N VAL B 70 9.30 14.58 12.43
CA VAL B 70 9.36 13.72 13.61
C VAL B 70 10.41 12.63 13.46
N PRO B 71 10.99 12.11 14.57
CA PRO B 71 11.96 11.01 14.43
C PRO B 71 11.30 9.65 14.18
N SER B 72 10.09 9.46 14.72
CA SER B 72 9.33 8.22 14.60
C SER B 72 7.85 8.47 14.69
N PHE B 73 7.04 7.49 14.21
CA PHE B 73 5.59 7.53 14.24
C PHE B 73 5.04 6.15 13.93
N SER B 74 3.85 5.89 14.44
CA SER B 74 3.16 4.63 14.20
C SER B 74 2.31 4.78 12.94
N VAL B 75 2.42 3.78 12.06
CA VAL B 75 1.70 3.67 10.79
C VAL B 75 0.13 3.64 10.98
N LYS B 76 -0.34 3.39 12.22
CA LYS B 76 -1.78 3.35 12.58
C LYS B 76 -2.36 4.75 12.84
N GLU B 77 -1.49 5.73 13.23
CA GLU B 77 -1.83 7.14 13.55
C GLU B 77 -2.13 7.89 12.24
N HIS B 78 -3.21 7.48 11.53
CA HIS B 78 -3.58 8.01 10.22
C HIS B 78 -3.79 9.52 10.17
N ARG B 79 -4.48 10.10 11.18
CA ARG B 79 -4.76 11.54 11.29
C ARG B 79 -3.48 12.35 11.32
N LYS B 80 -2.57 11.97 12.22
CA LYS B 80 -1.27 12.62 12.38
C LYS B 80 -0.46 12.50 11.09
N ILE B 81 -0.49 11.31 10.43
CA ILE B 81 0.21 11.06 9.16
C ILE B 81 -0.36 11.98 8.05
N TYR B 82 -1.69 12.07 7.93
CA TYR B 82 -2.29 12.98 6.95
C TYR B 82 -1.80 14.43 7.18
N THR B 83 -1.76 14.90 8.44
CA THR B 83 -1.27 16.26 8.79
C THR B 83 0.14 16.52 8.26
N MET B 84 1.04 15.55 8.51
CA MET B 84 2.44 15.63 8.09
C MET B 84 2.56 15.58 6.57
N ILE B 85 1.73 14.76 5.89
CA ILE B 85 1.69 14.68 4.42
C ILE B 85 1.18 16.00 3.80
N TYR B 86 0.08 16.54 4.35
CA TYR B 86 -0.57 17.77 3.88
C TYR B 86 0.40 18.92 3.75
N ARG B 87 1.30 19.07 4.73
CA ARG B 87 2.34 20.11 4.78
C ARG B 87 3.32 20.02 3.59
N ASN B 88 3.37 18.85 2.92
CA ASN B 88 4.25 18.54 1.79
C ASN B 88 3.57 18.43 0.42
N LEU B 89 2.34 18.95 0.30
CA LEU B 89 1.65 18.96 -1.00
C LEU B 89 0.80 20.21 -1.17
N VAL B 90 0.34 20.42 -2.40
CA VAL B 90 -0.65 21.47 -2.73
C VAL B 90 -1.80 20.79 -3.48
N VAL B 91 -3.04 21.16 -3.17
CA VAL B 91 -4.20 20.56 -3.84
C VAL B 91 -4.35 21.15 -5.25
N VAL B 92 -4.65 20.33 -6.27
CA VAL B 92 -4.82 20.77 -7.68
C VAL B 92 -6.23 20.37 -8.21
N ASN B 93 -6.69 20.94 -9.37
CA ASN B 93 -8.05 20.73 -9.93
C ASN B 93 -8.19 20.27 -11.42
N GLN B 94 -8.19 18.94 -11.66
CA GLN B 94 -8.35 18.26 -12.97
C GLN B 94 -7.31 18.69 -14.03
N GLN B 95 -7.33 19.95 -14.52
CA GLN B 95 -6.35 20.46 -15.49
C GLN B 95 -4.96 20.68 -14.84
N GLU B 96 -4.68 19.92 -13.74
CA GLU B 96 -3.48 19.88 -12.87
C GLU B 96 -2.90 21.27 -12.56
N SER B 97 -3.80 22.24 -12.29
CA SER B 97 -3.51 23.63 -11.95
C SER B 97 -3.84 23.93 -10.50
N SER B 98 -3.02 24.79 -9.89
CA SER B 98 -3.12 25.19 -8.50
C SER B 98 -4.21 26.23 -8.16
N ALA B 99 -4.81 26.95 -9.16
CA ALA B 99 -5.85 27.99 -8.94
C ALA B 99 -6.43 27.86 -7.51
N GLY B 100 -5.81 28.59 -6.58
CA GLY B 100 -6.02 28.47 -5.14
C GLY B 100 -4.70 28.60 -4.40
N ALA B 101 -4.71 28.83 -3.07
CA ALA B 101 -3.55 29.08 -2.20
C ALA B 101 -3.93 29.02 -0.73
C1 62R C . -6.32 -4.05 4.89
C2 62R C . -7.12 -5.13 5.41
C3 62R C . -7.87 -5.92 4.54
C4 62R C . -7.86 -5.68 3.15
C5 62R C . -7.06 -4.65 2.62
C6 62R C . -5.56 -3.25 7.09
C9 62R C . -2.38 -3.45 7.34
C10 62R C . -3.90 -3.23 3.11
C11 62R C . -2.98 -2.05 2.80
C12 62R C . -2.29 -1.56 0.45
C13 62R C . -2.56 -1.17 -1.02
C15 62R C . -2.03 0.32 -3.56
C18 62R C . -4.30 1.36 -2.93
C22 62R C . -5.21 1.88 -6.64
C26 62R C . -2.10 2.83 -0.34
F5 62R C . -7.34 -6.01 -0.98
C32 62R C . -6.49 -5.86 -1.97
F3 62R C . -7.22 -5.38 -2.95
F4 62R C . -6.18 -7.07 -2.39
C30 62R C . -5.33 -5.02 -1.59
S 62R C . -3.92 -5.64 -0.91
C29 62R C . -3.25 -4.10 -0.87
C31 62R C . -5.34 -3.66 -1.81
C28 62R C . -4.10 -3.12 -1.38
O5 62R C . -3.81 -1.77 -1.47
C17 62R C . -1.36 -1.53 -1.95
C16 62R C . -1.63 -1.17 -3.42
N2 62R C . -3.08 0.74 -2.57
C19 62R C . -4.40 1.88 -4.33
C23 62R C . -5.18 1.29 -5.36
C24 62R C . -5.97 0.01 -5.09
F2 62R C . -5.19 -0.94 -4.61
F1 62R C . -6.93 0.13 -4.18
F 62R C . -6.56 -0.54 -6.15
C21 62R C . -4.45 3.06 -6.83
N3 62R C . -3.68 3.65 -5.85
C20 62R C . -3.67 3.06 -4.63
O4 62R C . -5.23 1.48 -2.15
C14 62R C . -2.85 0.39 -1.14
C25 62R C . -1.74 1.32 -0.50
C27 62R C . -3.41 3.06 0.44
O3 62R C . -1.15 -1.91 0.79
N1 62R C . -3.32 -1.54 1.44
C33 62R C . -4.74 -1.02 1.33
C34 62R C . -5.73 -2.13 1.77
N 62R C . -5.37 -2.78 3.05
C 62R C . -6.27 -3.83 3.49
O 62R C . -5.64 -3.15 5.67
C7 62R C . -4.59 -2.20 7.66
C8 62R C . -3.18 -2.20 7.00
O1 62R C . -2.50 -4.53 6.79
O2 62R C . -1.43 -3.41 8.30
S SO4 D . -15.02 -4.46 7.31
O1 SO4 D . -14.30 -3.26 6.87
O2 SO4 D . -16.22 -4.08 8.07
O3 SO4 D . -15.40 -5.21 6.12
O4 SO4 D . -14.17 -5.27 8.19
C1 62R E . -3.70 5.21 5.87
C2 62R E . -4.08 6.56 6.12
C3 62R E . -3.11 7.49 6.53
C4 62R E . -1.78 7.08 6.70
C5 62R E . -1.40 5.74 6.43
C6 62R E . -5.87 4.60 4.93
C9 62R E . -7.56 2.47 2.28
C10 62R E . -2.15 3.16 4.13
C11 62R E . -2.05 1.66 3.78
C12 62R E . 0.28 0.81 3.34
C13 62R E . 1.70 0.37 3.79
C15 62R E . 4.03 -1.42 3.91
C18 62R E . 3.24 -1.62 6.38
C22 62R E . 6.76 -2.39 7.87
C26 62R E . 0.73 -3.46 4.65
F5 62R E . 2.34 6.46 6.76
C32 62R E . 3.34 5.89 6.12
F3 62R E . 4.18 5.56 7.09
F4 62R E . 3.97 6.87 5.48
C30 62R E . 2.90 4.78 5.20
S 62R E . 2.29 5.01 3.65
C29 62R E . 2.04 3.34 3.47
C31 62R E . 2.93 3.49 5.61
C28 62R E . 2.41 2.63 4.59
O5 62R E . 2.26 1.29 4.77
C17 62R E . 2.66 0.19 2.56
C16 62R E . 4.06 -0.19 3.01
N2 62R E . 3.00 -1.35 5.00
C19 62R E . 4.57 -2.25 6.76
C23 62R E . 5.63 -1.63 7.48
C24 62R E . 5.53 -0.17 7.87
F2 62R E . 5.08 0.62 6.89
F1 62R E . 4.74 0.01 8.92
F 62R E . 6.67 0.43 8.18
C21 62R E . 6.80 -3.75 7.49
N3 62R E . 5.80 -4.36 6.77
C20 62R E . 4.74 -3.63 6.43
O4 62R E . 2.43 -1.35 7.26
C14 62R E . 1.60 -0.99 4.59
C25 62R E . 0.85 -2.15 3.84
C27 62R E . -0.19 -4.42 3.90
O3 62R E . 0.08 0.87 2.14
N1 62R E . -0.73 1.15 4.31
C33 62R E . -0.59 1.32 5.80
C34 62R E . -0.79 2.79 6.22
N 62R E . -2.04 3.39 5.63
C 62R E . -2.34 4.78 6.00
O 62R E . -4.64 4.24 5.55
C7 62R E . -6.43 3.29 4.37
C8 62R E . -7.52 3.55 3.34
O1 62R E . -6.74 1.60 2.10
O2 62R E . -8.62 2.43 1.43
#